data_6D7P
#
_entry.id   6D7P
#
_cell.length_a   146.048
_cell.length_b   146.048
_cell.length_c   116.492
_cell.angle_alpha   90.00
_cell.angle_beta   90.00
_cell.angle_gamma   90.00
#
_symmetry.space_group_name_H-M   'P 4 21 2'
#
loop_
_entity.id
_entity.type
_entity.pdbx_description
1 polymer 'Transient receptor potential cation channel subfamily V member 6'
2 non-polymer 'CALCIUM ION'
3 non-polymer '6-(5-METHYL-2-OXO-IMIDAZOLIDIN-4-YL)-HEXANOIC ACID'
#
_entity_poly.entity_id   1
_entity_poly.type   'polypeptide(L)'
_entity_poly.pdbx_seq_one_letter_code
;MGWSLPKEKGLILCLWNKFCRWFHRRESWAQSRDEQNLLQQKRIWESPLLLAAKENNVQALYKLLKFEGCEVHQKGAMGE
TALHIAALYDNNEAAQVLMEAAPELVFEPMTSELYEGQTALHIAVINQNVNLVRALLARGASVSARATGSVFHYRPHNLI
YYGEHPLSFAACVGSEEIVRLLIEHGADIRAQDSLGNTVLHILILQPNKTFACQMYNLLLSYDGGDHLKSLELVPNNQGL
TPFKLAGVEGNIVMFQHLMQKRKHIQWTYGPLTSTLYDLTEIDSSGDDQSLLELIVTTKKREARQILDQTPVKELVSLKW
KRYGRPYFCVLGAIYVLYIICFTMCCVYRPLKPRITNRTNPRDNTLLQQKLLQEAYVTPKDDLRLVGELVSIVGAVIILL
VEIPDIFRLGVTRFFGQTILGGPFHVIIVTYAFMVLVTMVMRLTNSDGEVVPMSFALVLGWCNVMAFARGFQMLGPFTIM
IQKMIFGDLMRFCWLMAVVILGFASAFYIIFQTEDPDELGHFYDYPMALFSTFELFLTIIDGPANYDVDLPFMYSITYAA
FAIIATLLMLNLLIAMMGDTHWRVAHERDELWRAQVVATTVMLERKLPRCLWPRSGICGREYGLGDRWFLRVEDRQDLNR
QRIRRYAQAFQQQDDLYSEDLEKDSGEKLVPR
;
_entity_poly.pdbx_strand_id   A
#
loop_
_chem_comp.id
_chem_comp.type
_chem_comp.name
_chem_comp.formula
CA non-polymer 'CALCIUM ION' 'Ca 2'
DTB non-polymer '6-(5-METHYL-2-OXO-IMIDAZOLIDIN-4-YL)-HEXANOIC ACID' 'C10 H18 N2 O3'
#
# COMPACT_ATOMS: atom_id res chain seq x y z
N SER A 28 1.67 20.00 21.17
CA SER A 28 2.29 18.84 20.53
C SER A 28 3.66 19.20 19.97
N TRP A 29 3.99 18.62 18.82
CA TRP A 29 5.24 18.91 18.13
C TRP A 29 5.09 19.95 17.03
N ALA A 30 3.92 20.01 16.38
CA ALA A 30 3.68 21.08 15.41
C ALA A 30 3.65 22.43 16.09
N GLN A 31 3.14 22.48 17.33
CA GLN A 31 3.16 23.72 18.10
C GLN A 31 4.60 24.14 18.41
N SER A 32 5.46 23.17 18.69
CA SER A 32 6.83 23.48 19.08
C SER A 32 7.56 24.26 18.00
N ARG A 33 7.55 23.73 16.77
CA ARG A 33 8.23 24.42 15.66
C ARG A 33 7.56 25.75 15.36
N ASP A 34 6.23 25.82 15.50
CA ASP A 34 5.54 27.09 15.34
C ASP A 34 5.93 28.07 16.44
N GLU A 35 6.11 27.57 17.67
CA GLU A 35 6.59 28.42 18.74
C GLU A 35 7.98 28.96 18.46
N GLN A 36 8.87 28.11 17.94
CA GLN A 36 10.27 28.49 17.82
C GLN A 36 10.50 29.46 16.67
N ASN A 37 9.75 29.33 15.58
CA ASN A 37 9.85 30.33 14.51
C ASN A 37 9.42 31.70 15.03
N LEU A 38 8.34 31.75 15.79
CA LEU A 38 7.98 32.98 16.49
C LEU A 38 9.09 33.40 17.45
N LEU A 39 9.65 32.43 18.18
CA LEU A 39 10.68 32.74 19.17
C LEU A 39 11.95 33.25 18.49
N GLN A 40 12.25 32.75 17.28
CA GLN A 40 13.42 33.22 16.56
C GLN A 40 13.30 34.71 16.24
N GLN A 41 12.12 35.13 15.75
CA GLN A 41 11.95 36.52 15.34
C GLN A 41 12.11 37.47 16.53
N LYS A 42 11.68 37.06 17.71
CA LYS A 42 11.90 37.91 18.88
C LYS A 42 13.39 38.04 19.18
N ARG A 43 14.14 36.94 19.09
CA ARG A 43 15.58 37.01 19.30
C ARG A 43 16.24 37.89 18.24
N ILE A 44 15.75 37.82 17.00
CA ILE A 44 16.30 38.66 15.94
C ILE A 44 16.03 40.13 16.25
N TRP A 45 14.80 40.44 16.66
CA TRP A 45 14.47 41.81 17.02
C TRP A 45 15.28 42.27 18.23
N GLU A 46 15.34 41.43 19.27
CA GLU A 46 16.07 41.81 20.48
C GLU A 46 17.55 41.98 20.21
N SER A 47 18.15 41.04 19.49
CA SER A 47 19.57 41.12 19.16
C SER A 47 19.81 42.20 18.11
N PRO A 48 20.51 43.29 18.45
CA PRO A 48 20.73 44.35 17.45
C PRO A 48 21.63 43.90 16.31
N LEU A 49 22.61 43.04 16.57
CA LEU A 49 23.45 42.52 15.50
C LEU A 49 22.66 41.66 14.54
N LEU A 50 21.90 40.68 15.07
CA LEU A 50 21.11 39.81 14.23
C LEU A 50 20.06 40.60 13.45
N LEU A 51 19.51 41.66 14.06
CA LEU A 51 18.52 42.47 13.39
C LEU A 51 19.13 43.17 12.17
N ALA A 52 20.33 43.75 12.35
CA ALA A 52 20.95 44.50 11.26
C ALA A 52 21.30 43.60 10.08
N ALA A 53 21.65 42.34 10.35
CA ALA A 53 21.89 41.41 9.25
C ALA A 53 20.60 41.04 8.55
N LYS A 54 19.51 40.91 9.31
CA LYS A 54 18.21 40.64 8.71
C LYS A 54 17.75 41.81 7.85
N GLU A 55 18.04 43.03 8.27
CA GLU A 55 17.54 44.23 7.62
C GLU A 55 18.54 44.87 6.66
N ASN A 56 19.67 44.20 6.41
CA ASN A 56 20.70 44.68 5.49
C ASN A 56 21.26 46.05 5.88
N ASN A 57 21.15 46.42 7.15
CA ASN A 57 21.72 47.69 7.58
C ASN A 57 23.23 47.59 7.64
N VAL A 58 23.90 47.91 6.52
CA VAL A 58 25.35 47.76 6.45
C VAL A 58 26.02 48.74 7.41
N GLN A 59 25.58 50.00 7.39
CA GLN A 59 26.18 51.02 8.24
C GLN A 59 26.10 50.64 9.72
N ALA A 60 25.04 49.92 10.11
CA ALA A 60 24.92 49.51 11.50
C ALA A 60 25.97 48.46 11.87
N LEU A 61 26.21 47.50 10.97
CA LEU A 61 27.09 46.38 11.29
C LEU A 61 28.49 46.85 11.65
N TYR A 62 29.00 47.87 10.96
CA TYR A 62 30.31 48.42 11.29
C TYR A 62 30.27 49.09 12.66
N LYS A 63 29.16 49.74 12.99
CA LYS A 63 29.03 50.39 14.30
C LYS A 63 28.99 49.37 15.43
N LEU A 64 28.50 48.16 15.16
CA LEU A 64 28.39 47.13 16.18
C LEU A 64 29.65 46.27 16.34
N LEU A 65 30.56 46.32 15.37
CA LEU A 65 31.75 45.47 15.38
C LEU A 65 33.04 46.24 15.60
N LYS A 66 33.19 47.39 14.94
CA LYS A 66 34.43 48.15 15.04
C LYS A 66 34.48 48.97 16.33
N PHE A 67 33.47 49.81 16.53
CA PHE A 67 33.49 50.74 17.66
C PHE A 67 33.02 50.07 18.95
N GLU A 68 31.93 49.32 18.89
CA GLU A 68 31.49 48.49 20.00
C GLU A 68 31.94 47.06 19.74
N GLY A 69 32.35 46.38 20.81
CA GLY A 69 32.82 45.02 20.68
C GLY A 69 31.71 44.00 20.87
N CYS A 70 30.65 44.09 20.07
CA CYS A 70 29.57 43.12 20.19
C CYS A 70 30.10 41.74 19.86
N GLU A 71 29.71 40.76 20.67
CA GLU A 71 30.22 39.42 20.53
C GLU A 71 29.80 38.85 19.19
N VAL A 72 30.71 38.92 18.21
CA VAL A 72 30.39 38.56 16.83
C VAL A 72 29.81 37.16 16.75
N HIS A 73 30.30 36.24 17.58
CA HIS A 73 29.81 34.87 17.59
C HIS A 73 28.49 34.72 18.34
N GLN A 74 27.62 35.72 18.22
CA GLN A 74 26.32 35.69 18.87
C GLN A 74 25.52 34.48 18.39
N LYS A 75 24.88 33.80 19.33
CA LYS A 75 24.09 32.60 19.05
C LYS A 75 22.62 32.96 19.16
N GLY A 76 21.87 32.76 18.08
CA GLY A 76 20.45 33.04 18.07
C GLY A 76 19.64 31.92 18.72
N ALA A 77 18.31 32.06 18.59
CA ALA A 77 17.41 31.10 19.19
C ALA A 77 17.62 29.70 18.63
N MET A 78 17.81 29.60 17.32
CA MET A 78 18.04 28.32 16.66
C MET A 78 19.52 27.97 16.59
N GLY A 79 20.32 28.50 17.50
CA GLY A 79 21.76 28.37 17.39
C GLY A 79 22.37 28.97 16.16
N GLU A 80 21.66 29.81 15.42
CA GLU A 80 22.19 30.39 14.19
C GLU A 80 23.21 31.48 14.49
N THR A 81 24.12 31.68 13.55
CA THR A 81 25.08 32.77 13.61
C THR A 81 24.49 34.03 12.95
N ALA A 82 25.19 35.16 13.10
CA ALA A 82 24.78 36.37 12.39
C ALA A 82 24.87 36.16 10.89
N LEU A 83 25.77 35.30 10.43
CA LEU A 83 25.87 35.01 9.00
C LEU A 83 24.72 34.12 8.54
N HIS A 84 24.26 33.21 9.40
CA HIS A 84 23.15 32.34 9.02
C HIS A 84 21.91 33.15 8.70
N ILE A 85 21.63 34.20 9.48
CA ILE A 85 20.51 35.09 9.19
C ILE A 85 20.75 35.87 7.92
N ALA A 86 21.98 36.36 7.72
CA ALA A 86 22.32 37.10 6.51
C ALA A 86 22.24 36.24 5.25
N ALA A 87 22.25 34.91 5.40
CA ALA A 87 22.12 34.03 4.26
C ALA A 87 20.66 33.67 3.99
N LEU A 88 19.86 33.51 5.05
CA LEU A 88 18.43 33.22 4.91
C LEU A 88 17.77 34.26 4.02
N TYR A 89 17.67 35.49 4.51
CA TYR A 89 17.30 36.63 3.68
C TYR A 89 18.52 37.02 2.85
N ASP A 90 18.41 36.88 1.53
CA ASP A 90 19.57 37.09 0.67
C ASP A 90 20.18 38.47 0.87
N ASN A 91 21.38 38.51 1.45
CA ASN A 91 21.99 39.74 1.96
C ASN A 91 23.51 39.68 1.74
N ASN A 92 23.94 39.67 0.48
CA ASN A 92 25.36 39.53 0.19
C ASN A 92 26.18 40.67 0.77
N GLU A 93 25.61 41.89 0.78
CA GLU A 93 26.31 43.02 1.37
C GLU A 93 26.52 42.83 2.87
N ALA A 94 25.45 42.46 3.59
CA ALA A 94 25.57 42.19 5.01
C ALA A 94 26.34 40.91 5.28
N ALA A 95 26.23 39.92 4.40
CA ALA A 95 26.96 38.67 4.62
C ALA A 95 28.45 38.87 4.43
N GLN A 96 28.84 39.75 3.49
CA GLN A 96 30.26 39.95 3.20
C GLN A 96 30.96 40.65 4.37
N VAL A 97 30.28 41.60 5.01
CA VAL A 97 30.86 42.28 6.18
C VAL A 97 31.14 41.28 7.29
N LEU A 98 30.25 40.31 7.48
CA LEU A 98 30.43 39.35 8.57
C LEU A 98 31.62 38.44 8.32
N MET A 99 31.85 38.05 7.06
CA MET A 99 33.01 37.24 6.74
C MET A 99 34.30 38.05 6.85
N GLU A 100 34.26 39.33 6.51
CA GLU A 100 35.46 40.16 6.59
C GLU A 100 35.86 40.43 8.04
N ALA A 101 34.88 40.73 8.90
CA ALA A 101 35.19 40.99 10.30
C ALA A 101 35.53 39.71 11.04
N ALA A 102 34.88 38.60 10.70
CA ALA A 102 35.16 37.33 11.33
C ALA A 102 35.05 36.20 10.31
N PRO A 103 36.18 35.63 9.86
CA PRO A 103 36.12 34.58 8.84
C PRO A 103 35.85 33.18 9.38
N GLU A 104 35.80 33.00 10.71
CA GLU A 104 35.52 31.67 11.26
C GLU A 104 34.03 31.36 11.33
N LEU A 105 33.17 32.31 10.98
CA LEU A 105 31.72 32.07 10.98
C LEU A 105 31.30 31.15 9.86
N VAL A 106 32.11 31.03 8.80
CA VAL A 106 31.72 30.22 7.65
C VAL A 106 31.62 28.75 8.04
N PHE A 107 32.58 28.26 8.82
CA PHE A 107 32.55 26.87 9.26
C PHE A 107 31.48 26.61 10.30
N GLU A 108 30.92 27.64 10.91
CA GLU A 108 30.01 27.45 12.03
C GLU A 108 28.71 26.77 11.59
N PRO A 109 28.32 25.67 12.23
CA PRO A 109 27.01 25.08 11.94
C PRO A 109 25.97 25.47 12.98
N MET A 110 24.68 25.37 12.63
CA MET A 110 23.62 25.67 13.59
C MET A 110 23.51 24.54 14.61
N THR A 111 23.29 24.90 15.87
CA THR A 111 23.36 23.95 16.97
C THR A 111 22.01 23.40 17.41
N SER A 112 20.90 24.05 17.04
CA SER A 112 19.59 23.61 17.47
C SER A 112 19.28 22.21 16.95
N GLU A 113 18.31 21.56 17.58
CA GLU A 113 17.95 20.19 17.19
C GLU A 113 17.31 20.15 15.82
N LEU A 114 16.40 21.08 15.54
CA LEU A 114 15.72 21.09 14.26
C LEU A 114 16.68 21.33 13.11
N TYR A 115 17.79 22.04 13.36
CA TYR A 115 18.68 22.47 12.30
C TYR A 115 20.14 22.12 12.61
N GLU A 116 20.34 21.04 13.37
CA GLU A 116 21.69 20.58 13.66
C GLU A 116 22.41 20.22 12.37
N GLY A 117 23.62 20.75 12.20
CA GLY A 117 24.46 20.42 11.09
C GLY A 117 24.42 21.41 9.94
N GLN A 118 23.36 22.19 9.81
CA GLN A 118 23.25 23.09 8.66
C GLN A 118 24.26 24.22 8.79
N THR A 119 24.92 24.53 7.67
CA THR A 119 25.93 25.57 7.59
C THR A 119 25.41 26.72 6.74
N ALA A 120 26.23 27.77 6.64
CA ALA A 120 25.85 28.92 5.82
C ALA A 120 25.85 28.58 4.35
N LEU A 121 26.65 27.60 3.93
CA LEU A 121 26.67 27.20 2.52
C LEU A 121 25.37 26.51 2.13
N HIS A 122 24.80 25.72 3.04
CA HIS A 122 23.50 25.10 2.78
C HIS A 122 22.45 26.16 2.44
N ILE A 123 22.42 27.23 3.24
CA ILE A 123 21.42 28.27 3.04
C ILE A 123 21.68 29.01 1.73
N ALA A 124 22.95 29.26 1.41
CA ALA A 124 23.29 29.99 0.19
C ALA A 124 22.94 29.19 -1.05
N VAL A 125 23.15 27.87 -1.00
CA VAL A 125 22.80 27.02 -2.14
C VAL A 125 21.30 26.97 -2.33
N ILE A 126 20.54 26.87 -1.23
CA ILE A 126 19.09 26.71 -1.32
C ILE A 126 18.46 27.90 -2.02
N ASN A 127 18.90 29.10 -1.67
CA ASN A 127 18.36 30.32 -2.27
C ASN A 127 18.99 30.66 -3.61
N GLN A 128 19.87 29.79 -4.14
CA GLN A 128 20.50 29.98 -5.44
C GLN A 128 21.30 31.29 -5.51
N ASN A 129 21.84 31.73 -4.37
CA ASN A 129 22.68 32.92 -4.33
C ASN A 129 24.04 32.53 -4.87
N VAL A 130 24.23 32.73 -6.18
CA VAL A 130 25.43 32.23 -6.85
C VAL A 130 26.66 32.97 -6.34
N ASN A 131 26.59 34.30 -6.23
CA ASN A 131 27.75 35.08 -5.81
C ASN A 131 28.15 34.76 -4.37
N LEU A 132 27.18 34.45 -3.51
CA LEU A 132 27.51 34.12 -2.13
C LEU A 132 28.09 32.72 -2.03
N VAL A 133 27.60 31.79 -2.86
CA VAL A 133 28.18 30.44 -2.88
C VAL A 133 29.63 30.49 -3.31
N ARG A 134 29.93 31.29 -4.34
CA ARG A 134 31.31 31.43 -4.80
C ARG A 134 32.18 32.07 -3.73
N ALA A 135 31.62 33.06 -3.02
CA ALA A 135 32.39 33.70 -1.94
C ALA A 135 32.62 32.75 -0.78
N LEU A 136 31.62 31.91 -0.47
CA LEU A 136 31.78 30.96 0.63
C LEU A 136 32.79 29.88 0.29
N LEU A 137 32.76 29.37 -0.95
CA LEU A 137 33.73 28.36 -1.36
C LEU A 137 35.14 28.94 -1.40
N ALA A 138 35.28 30.21 -1.79
CA ALA A 138 36.59 30.86 -1.74
C ALA A 138 37.09 30.94 -0.30
N ARG A 139 36.18 31.06 0.67
CA ARG A 139 36.56 31.05 2.07
C ARG A 139 36.91 29.67 2.59
N GLY A 140 36.63 28.62 1.81
CA GLY A 140 36.97 27.27 2.22
C GLY A 140 35.89 26.55 3.01
N ALA A 141 34.62 26.85 2.76
CA ALA A 141 33.55 26.15 3.44
C ALA A 141 33.54 24.68 3.04
N SER A 142 33.24 23.81 4.00
CA SER A 142 33.20 22.38 3.74
C SER A 142 32.05 22.01 2.82
N VAL A 143 32.35 21.20 1.79
CA VAL A 143 31.33 20.63 0.93
C VAL A 143 30.89 19.25 1.43
N SER A 144 31.34 18.85 2.62
CA SER A 144 30.98 17.56 3.19
C SER A 144 30.18 17.68 4.48
N ALA A 145 29.70 18.89 4.81
CA ALA A 145 28.95 19.10 6.05
C ALA A 145 27.51 18.63 5.88
N ARG A 146 27.07 17.72 6.75
CA ARG A 146 25.71 17.21 6.71
C ARG A 146 24.78 18.06 7.56
N ALA A 147 23.53 18.16 7.12
CA ALA A 147 22.47 18.84 7.85
C ALA A 147 21.57 17.76 8.45
N THR A 148 21.93 17.28 9.64
CA THR A 148 21.24 16.20 10.30
C THR A 148 20.03 16.67 11.12
N GLY A 149 19.68 17.95 11.05
CA GLY A 149 18.54 18.45 11.79
C GLY A 149 17.25 17.76 11.38
N SER A 150 16.33 17.65 12.33
CA SER A 150 15.11 16.87 12.12
C SER A 150 14.26 17.43 10.99
N VAL A 151 14.34 18.73 10.74
CA VAL A 151 13.56 19.35 9.67
C VAL A 151 14.05 18.94 8.28
N PHE A 152 15.22 18.31 8.20
CA PHE A 152 15.73 17.81 6.94
C PHE A 152 15.49 16.31 6.77
N HIS A 153 14.68 15.71 7.64
CA HIS A 153 14.37 14.30 7.55
C HIS A 153 13.28 14.04 6.52
N TYR A 154 13.27 12.84 5.96
CA TYR A 154 12.24 12.41 5.01
C TYR A 154 11.05 11.90 5.80
N ARG A 155 10.09 12.78 6.04
CA ARG A 155 8.91 12.48 6.85
C ARG A 155 7.71 13.18 6.23
N PRO A 156 6.51 12.66 6.48
CA PRO A 156 5.30 13.30 5.92
C PRO A 156 5.12 14.75 6.36
N HIS A 157 5.53 15.11 7.59
CA HIS A 157 5.32 16.47 8.05
C HIS A 157 6.28 17.46 7.42
N ASN A 158 7.47 17.02 7.00
CA ASN A 158 8.38 17.90 6.27
C ASN A 158 7.87 18.09 4.85
N LEU A 159 7.88 19.34 4.38
CA LEU A 159 7.35 19.64 3.06
C LEU A 159 8.30 19.19 1.96
N ILE A 160 9.60 19.33 2.17
CA ILE A 160 10.60 18.98 1.16
C ILE A 160 11.66 18.08 1.77
N TYR A 161 12.27 17.26 0.92
CA TYR A 161 13.40 16.43 1.29
C TYR A 161 14.50 16.67 0.26
N TYR A 162 15.59 17.30 0.69
CA TYR A 162 16.70 17.64 -0.18
C TYR A 162 17.99 16.92 0.19
N GLY A 163 17.91 15.91 1.05
CA GLY A 163 19.11 15.23 1.50
C GLY A 163 19.81 16.02 2.59
N GLU A 164 21.07 15.64 2.81
CA GLU A 164 21.86 16.23 3.89
C GLU A 164 23.12 16.94 3.42
N HIS A 165 23.47 16.83 2.13
CA HIS A 165 24.71 17.40 1.61
C HIS A 165 24.42 18.64 0.77
N PRO A 166 25.36 19.60 0.73
CA PRO A 166 25.13 20.82 -0.07
C PRO A 166 25.04 20.55 -1.56
N LEU A 167 25.69 19.49 -2.06
CA LEU A 167 25.52 19.11 -3.45
C LEU A 167 24.13 18.55 -3.70
N SER A 168 23.59 17.79 -2.73
CA SER A 168 22.22 17.30 -2.85
C SER A 168 21.24 18.46 -2.98
N PHE A 169 21.44 19.52 -2.18
CA PHE A 169 20.58 20.69 -2.29
C PHE A 169 20.69 21.33 -3.68
N ALA A 170 21.92 21.49 -4.16
CA ALA A 170 22.15 22.13 -5.45
C ALA A 170 21.45 21.37 -6.57
N ALA A 171 21.52 20.04 -6.54
CA ALA A 171 20.89 19.24 -7.58
C ALA A 171 19.38 19.34 -7.53
N CYS A 172 18.81 19.50 -6.34
CA CYS A 172 17.36 19.48 -6.19
C CYS A 172 16.72 20.77 -6.68
N VAL A 173 17.30 21.92 -6.33
CA VAL A 173 16.76 23.20 -6.78
C VAL A 173 16.95 23.39 -8.27
N GLY A 174 17.83 22.61 -8.90
CA GLY A 174 18.01 22.67 -10.34
C GLY A 174 19.01 23.69 -10.83
N SER A 175 19.74 24.35 -9.92
CA SER A 175 20.77 25.29 -10.33
C SER A 175 21.96 24.54 -10.89
N GLU A 176 21.95 24.32 -12.20
CA GLU A 176 23.07 23.62 -12.85
C GLU A 176 24.38 24.35 -12.65
N GLU A 177 24.33 25.67 -12.44
CA GLU A 177 25.54 26.43 -12.25
C GLU A 177 26.23 26.08 -10.93
N ILE A 178 25.46 25.89 -9.87
CA ILE A 178 26.05 25.59 -8.57
C ILE A 178 26.51 24.14 -8.48
N VAL A 179 25.80 23.22 -9.16
CA VAL A 179 26.13 21.80 -9.05
C VAL A 179 27.55 21.55 -9.54
N ARG A 180 27.89 22.06 -10.73
CA ARG A 180 29.26 21.92 -11.22
C ARG A 180 30.23 22.69 -10.33
N LEU A 181 29.85 23.90 -9.91
CA LEU A 181 30.71 24.70 -9.05
C LEU A 181 30.99 24.00 -7.73
N LEU A 182 29.99 23.32 -7.17
CA LEU A 182 30.21 22.57 -5.94
C LEU A 182 31.14 21.39 -6.17
N ILE A 183 30.97 20.70 -7.31
CA ILE A 183 31.86 19.59 -7.65
C ILE A 183 33.29 20.09 -7.82
N GLU A 184 33.46 21.27 -8.44
CA GLU A 184 34.79 21.78 -8.72
C GLU A 184 35.61 21.95 -7.44
N HIS A 185 34.96 22.24 -6.32
CA HIS A 185 35.65 22.41 -5.05
C HIS A 185 35.69 21.13 -4.22
N GLY A 186 35.49 19.97 -4.85
CA GLY A 186 35.68 18.70 -4.19
C GLY A 186 34.42 17.99 -3.72
N ALA A 187 33.25 18.34 -4.27
CA ALA A 187 32.03 17.65 -3.87
C ALA A 187 32.05 16.21 -4.38
N ASP A 188 31.53 15.31 -3.56
CA ASP A 188 31.52 13.88 -3.85
C ASP A 188 30.11 13.46 -4.22
N ILE A 189 29.95 12.90 -5.43
CA ILE A 189 28.63 12.46 -5.87
C ILE A 189 28.23 11.17 -5.17
N ARG A 190 29.20 10.31 -4.84
CA ARG A 190 28.91 9.05 -4.18
C ARG A 190 28.41 9.21 -2.76
N ALA A 191 28.52 10.40 -2.18
CA ALA A 191 28.18 10.61 -0.78
C ALA A 191 26.72 10.26 -0.51
N GLN A 192 26.49 9.50 0.55
CA GLN A 192 25.15 9.09 0.94
C GLN A 192 24.74 9.82 2.22
N ASP A 193 23.42 9.92 2.41
CA ASP A 193 22.86 10.54 3.59
C ASP A 193 22.66 9.49 4.68
N SER A 194 21.91 9.83 5.72
CA SER A 194 21.66 8.88 6.79
C SER A 194 20.85 7.68 6.30
N LEU A 195 19.92 7.91 5.37
CA LEU A 195 19.16 6.80 4.81
C LEU A 195 19.92 6.02 3.76
N GLY A 196 21.18 6.39 3.51
CA GLY A 196 21.93 5.75 2.46
C GLY A 196 21.51 6.09 1.05
N ASN A 197 20.84 7.23 0.85
CA ASN A 197 20.46 7.66 -0.49
C ASN A 197 21.55 8.55 -1.08
N THR A 198 21.98 8.22 -2.29
CA THR A 198 22.86 9.10 -3.03
C THR A 198 22.08 10.31 -3.54
N VAL A 199 22.79 11.25 -4.16
CA VAL A 199 22.11 12.39 -4.79
C VAL A 199 21.20 11.89 -5.90
N LEU A 200 21.52 10.76 -6.52
CA LEU A 200 20.66 10.19 -7.55
C LEU A 200 19.31 9.79 -6.98
N HIS A 201 19.30 9.12 -5.82
CA HIS A 201 18.05 8.69 -5.21
C HIS A 201 17.16 9.87 -4.84
N ILE A 202 17.77 10.99 -4.43
CA ILE A 202 16.98 12.14 -3.99
C ILE A 202 16.21 12.75 -5.16
N LEU A 203 16.81 12.74 -6.35
CA LEU A 203 16.13 13.32 -7.52
C LEU A 203 14.85 12.57 -7.86
N ILE A 204 14.82 11.26 -7.61
CA ILE A 204 13.64 10.48 -7.97
C ILE A 204 12.46 10.85 -7.08
N LEU A 205 12.73 11.31 -5.87
CA LEU A 205 11.69 11.70 -4.93
C LEU A 205 11.48 13.22 -4.98
N GLN A 206 11.18 13.71 -6.17
CA GLN A 206 11.01 15.14 -6.41
C GLN A 206 9.79 15.37 -7.31
N PRO A 207 9.09 16.49 -7.14
CA PRO A 207 7.93 16.77 -7.98
C PRO A 207 8.25 17.02 -9.45
N ASN A 208 9.18 17.94 -9.73
CA ASN A 208 9.49 18.35 -11.10
C ASN A 208 10.26 17.22 -11.78
N LYS A 209 9.52 16.28 -12.39
CA LYS A 209 10.16 15.16 -13.03
C LYS A 209 10.87 15.56 -14.32
N THR A 210 10.27 16.49 -15.08
CA THR A 210 10.84 16.86 -16.37
C THR A 210 12.16 17.61 -16.22
N PHE A 211 12.26 18.50 -15.23
CA PHE A 211 13.51 19.21 -15.00
C PHE A 211 14.58 18.26 -14.45
N ALA A 212 14.18 17.35 -13.56
CA ALA A 212 15.16 16.52 -12.85
C ALA A 212 15.89 15.56 -13.79
N CYS A 213 15.29 15.22 -14.93
CA CYS A 213 15.95 14.32 -15.86
C CYS A 213 17.25 14.91 -16.38
N GLN A 214 17.21 16.17 -16.83
CA GLN A 214 18.41 16.82 -17.31
C GLN A 214 19.47 16.91 -16.21
N MET A 215 19.04 17.24 -15.00
CA MET A 215 19.98 17.33 -13.87
C MET A 215 20.55 15.96 -13.55
N TYR A 216 19.76 14.90 -13.73
CA TYR A 216 20.26 13.54 -13.50
C TYR A 216 21.46 13.24 -14.37
N ASN A 217 21.36 13.55 -15.67
CA ASN A 217 22.47 13.30 -16.59
C ASN A 217 23.73 14.05 -16.17
N LEU A 218 23.59 15.31 -15.78
CA LEU A 218 24.75 16.13 -15.45
C LEU A 218 25.55 15.52 -14.32
N LEU A 219 24.88 14.97 -13.30
CA LEU A 219 25.60 14.34 -12.20
C LEU A 219 26.31 13.07 -12.64
N LEU A 220 25.80 12.40 -13.68
CA LEU A 220 26.43 11.18 -14.15
C LEU A 220 27.71 11.46 -14.94
N SER A 221 27.84 12.65 -15.52
CA SER A 221 29.02 12.97 -16.32
C SER A 221 30.29 12.92 -15.50
N TYR A 222 30.21 13.22 -14.21
CA TYR A 222 31.37 13.19 -13.32
C TYR A 222 31.69 11.79 -12.81
N ASP A 223 30.99 10.77 -13.26
CA ASP A 223 31.29 9.41 -12.86
C ASP A 223 32.63 8.97 -13.42
N GLY A 224 33.27 8.02 -12.75
CA GLY A 224 34.62 7.62 -13.12
C GLY A 224 34.74 7.07 -14.52
N GLY A 225 33.67 6.46 -15.04
CA GLY A 225 33.67 5.87 -16.35
C GLY A 225 33.80 4.36 -16.38
N ASP A 226 34.22 3.76 -15.27
CA ASP A 226 34.27 2.31 -15.19
C ASP A 226 32.86 1.73 -15.15
N HIS A 227 32.67 0.62 -15.88
CA HIS A 227 31.36 -0.02 -15.93
C HIS A 227 30.88 -0.41 -14.53
N LEU A 228 31.78 -0.96 -13.72
CA LEU A 228 31.49 -1.23 -12.33
C LEU A 228 31.72 0.01 -11.48
N LYS A 229 31.25 -0.05 -10.24
CA LYS A 229 31.26 1.06 -9.29
C LYS A 229 30.52 2.29 -9.79
N SER A 230 29.72 2.15 -10.86
CA SER A 230 28.95 3.28 -11.36
C SER A 230 27.96 3.73 -10.30
N LEU A 231 27.79 5.05 -10.18
CA LEU A 231 26.91 5.60 -9.16
C LEU A 231 25.47 5.11 -9.32
N GLU A 232 25.08 4.74 -10.54
CA GLU A 232 23.75 4.19 -10.74
C GLU A 232 23.59 2.82 -10.07
N LEU A 233 24.69 2.09 -9.89
CA LEU A 233 24.61 0.78 -9.26
C LEU A 233 24.67 0.86 -7.74
N VAL A 234 24.97 2.03 -7.19
CA VAL A 234 25.06 2.17 -5.73
C VAL A 234 23.68 1.98 -5.12
N PRO A 235 23.51 1.06 -4.18
CA PRO A 235 22.18 0.73 -3.67
C PRO A 235 21.78 1.54 -2.44
N ASN A 236 20.47 1.66 -2.27
CA ASN A 236 19.89 2.24 -1.07
C ASN A 236 20.05 1.27 0.11
N ASN A 237 19.87 1.80 1.33
CA ASN A 237 20.03 0.99 2.53
C ASN A 237 19.06 -0.19 2.54
N GLN A 238 17.83 0.03 2.07
CA GLN A 238 16.82 -1.02 2.01
C GLN A 238 16.93 -1.89 0.75
N GLY A 239 18.08 -1.83 0.07
CA GLY A 239 18.34 -2.69 -1.07
C GLY A 239 17.97 -2.12 -2.43
N LEU A 240 17.39 -0.93 -2.49
CA LEU A 240 16.95 -0.37 -3.76
C LEU A 240 18.08 0.37 -4.46
N THR A 241 17.94 0.50 -5.78
CA THR A 241 18.84 1.27 -6.62
C THR A 241 18.03 2.34 -7.34
N PRO A 242 18.70 3.38 -7.90
CA PRO A 242 17.92 4.45 -8.54
C PRO A 242 16.94 3.97 -9.60
N PHE A 243 17.39 3.15 -10.55
CA PHE A 243 16.45 2.59 -11.52
C PHE A 243 15.36 1.78 -10.82
N LYS A 244 15.75 0.95 -9.85
CA LYS A 244 14.78 0.11 -9.16
C LYS A 244 13.84 0.94 -8.30
N LEU A 245 14.37 1.98 -7.66
CA LEU A 245 13.52 2.84 -6.82
C LEU A 245 12.47 3.57 -7.65
N ALA A 246 12.84 3.98 -8.86
CA ALA A 246 11.91 4.74 -9.70
C ALA A 246 10.64 3.95 -9.99
N GLY A 247 10.76 2.64 -10.18
CA GLY A 247 9.59 1.82 -10.40
C GLY A 247 8.69 1.76 -9.18
N VAL A 248 9.27 1.61 -8.00
CA VAL A 248 8.47 1.55 -6.77
C VAL A 248 7.74 2.87 -6.55
N GLU A 249 8.45 3.99 -6.69
CA GLU A 249 7.87 5.29 -6.45
C GLU A 249 6.93 5.75 -7.55
N GLY A 250 6.85 5.02 -8.65
CA GLY A 250 5.93 5.36 -9.72
C GLY A 250 6.35 6.53 -10.58
N ASN A 251 7.61 6.93 -10.53
CA ASN A 251 8.11 8.02 -11.38
C ASN A 251 8.29 7.46 -12.80
N ILE A 252 7.29 7.71 -13.65
CA ILE A 252 7.34 7.18 -15.01
C ILE A 252 8.38 7.94 -15.84
N VAL A 253 8.46 9.26 -15.66
CA VAL A 253 9.38 10.07 -16.45
C VAL A 253 10.82 9.61 -16.24
N MET A 254 11.22 9.44 -14.99
CA MET A 254 12.56 8.91 -14.70
C MET A 254 12.68 7.46 -15.14
N PHE A 255 11.61 6.67 -15.00
CA PHE A 255 11.63 5.29 -15.46
C PHE A 255 11.82 5.22 -16.97
N GLN A 256 11.10 6.06 -17.71
CA GLN A 256 11.29 6.13 -19.16
C GLN A 256 12.71 6.58 -19.51
N HIS A 257 13.17 7.64 -18.85
CA HIS A 257 14.50 8.16 -19.15
C HIS A 257 15.59 7.17 -18.78
N LEU A 258 15.44 6.46 -17.66
CA LEU A 258 16.44 5.50 -17.23
C LEU A 258 16.47 4.25 -18.09
N MET A 259 15.45 4.02 -18.92
CA MET A 259 15.41 2.80 -19.70
C MET A 259 16.37 2.84 -20.89
N GLN A 260 16.68 4.05 -21.39
CA GLN A 260 17.62 4.20 -22.49
C GLN A 260 18.97 3.55 -22.18
N LYS A 261 19.37 3.56 -20.90
CA LYS A 261 20.63 2.96 -20.51
C LYS A 261 20.67 1.47 -20.84
N ARG A 262 19.55 0.78 -20.71
CA ARG A 262 19.51 -0.67 -20.76
C ARG A 262 18.53 -1.20 -21.80
N LYS A 263 18.43 -0.51 -22.94
CA LYS A 263 17.72 -1.02 -24.09
C LYS A 263 18.60 -0.90 -25.33
N HIS A 264 18.56 -1.92 -26.18
CA HIS A 264 19.46 -2.03 -27.32
C HIS A 264 18.65 -2.25 -28.58
N ILE A 265 18.86 -1.39 -29.58
CA ILE A 265 18.13 -1.48 -30.84
C ILE A 265 18.84 -2.48 -31.75
N GLN A 266 18.12 -3.51 -32.18
CA GLN A 266 18.70 -4.49 -33.10
C GLN A 266 18.85 -3.90 -34.49
N TRP A 267 17.73 -3.56 -35.13
CA TRP A 267 17.75 -3.04 -36.49
C TRP A 267 16.53 -2.17 -36.72
N THR A 268 16.54 -1.44 -37.83
CA THR A 268 15.46 -0.53 -38.22
C THR A 268 15.12 -0.80 -39.69
N TYR A 269 13.92 -1.34 -39.92
CA TYR A 269 13.45 -1.72 -41.25
C TYR A 269 12.14 -0.99 -41.52
N GLY A 270 12.19 0.04 -42.35
CA GLY A 270 11.04 0.87 -42.60
C GLY A 270 10.54 1.51 -41.32
N PRO A 271 9.22 1.40 -41.08
CA PRO A 271 8.68 1.87 -39.78
C PRO A 271 8.93 0.92 -38.65
N LEU A 272 9.22 -0.36 -38.91
CA LEU A 272 9.43 -1.33 -37.85
C LEU A 272 10.78 -1.11 -37.17
N THR A 273 10.88 -1.55 -35.92
CA THR A 273 12.12 -1.42 -35.16
C THR A 273 12.19 -2.55 -34.15
N SER A 274 13.16 -3.43 -34.30
CA SER A 274 13.41 -4.49 -33.32
C SER A 274 14.37 -3.95 -32.28
N THR A 275 13.88 -3.77 -31.06
CA THR A 275 14.69 -3.28 -29.95
C THR A 275 14.75 -4.34 -28.86
N LEU A 276 15.92 -4.45 -28.22
CA LEU A 276 16.19 -5.49 -27.24
C LEU A 276 16.32 -4.86 -25.85
N TYR A 277 15.64 -5.44 -24.87
CA TYR A 277 15.59 -4.90 -23.53
C TYR A 277 16.40 -5.77 -22.57
N ASP A 278 17.07 -5.11 -21.61
CA ASP A 278 18.05 -5.80 -20.79
C ASP A 278 17.41 -6.81 -19.85
N LEU A 279 16.25 -6.46 -19.27
CA LEU A 279 15.43 -7.39 -18.50
C LEU A 279 16.19 -8.00 -17.31
N THR A 280 17.15 -7.26 -16.75
CA THR A 280 17.97 -7.79 -15.66
C THR A 280 17.35 -7.47 -14.31
N GLU A 281 17.36 -6.20 -13.92
CA GLU A 281 16.77 -5.81 -12.65
C GLU A 281 15.25 -5.87 -12.69
N ILE A 282 14.65 -5.95 -13.88
CA ILE A 282 13.20 -6.01 -14.00
C ILE A 282 12.69 -7.39 -13.60
N ASP A 283 13.30 -8.43 -14.13
CA ASP A 283 12.78 -9.78 -13.97
C ASP A 283 12.97 -10.28 -12.54
N SER A 284 12.35 -11.43 -12.25
CA SER A 284 12.22 -11.95 -10.89
C SER A 284 13.34 -12.91 -10.50
N SER A 285 14.46 -12.92 -11.22
CA SER A 285 15.51 -13.90 -10.94
C SER A 285 16.31 -13.54 -9.70
N GLY A 286 16.53 -12.25 -9.47
CA GLY A 286 17.38 -11.82 -8.37
C GLY A 286 16.67 -11.71 -7.04
N ASP A 287 16.09 -12.82 -6.58
CA ASP A 287 15.33 -12.86 -5.33
C ASP A 287 14.36 -11.70 -5.22
N ASP A 288 14.23 -11.10 -4.04
CA ASP A 288 13.26 -10.01 -3.86
C ASP A 288 13.73 -8.70 -4.50
N GLN A 289 14.93 -8.65 -5.06
CA GLN A 289 15.39 -7.46 -5.77
C GLN A 289 14.59 -7.20 -7.04
N SER A 290 13.73 -8.12 -7.45
CA SER A 290 12.94 -7.92 -8.66
C SER A 290 12.08 -6.67 -8.54
N LEU A 291 12.05 -5.87 -9.60
CA LEU A 291 11.20 -4.69 -9.63
C LEU A 291 9.72 -5.09 -9.60
N LEU A 292 9.37 -6.17 -10.31
CA LEU A 292 7.96 -6.57 -10.40
C LEU A 292 7.38 -6.91 -9.04
N GLU A 293 8.14 -7.60 -8.20
CA GLU A 293 7.66 -7.90 -6.85
C GLU A 293 7.47 -6.64 -6.03
N LEU A 294 8.30 -5.63 -6.26
CA LEU A 294 8.18 -4.40 -5.48
C LEU A 294 6.92 -3.65 -5.83
N ILE A 295 6.51 -3.71 -7.10
CA ILE A 295 5.29 -3.02 -7.54
C ILE A 295 4.07 -3.63 -6.87
N VAL A 296 3.93 -4.95 -6.96
CA VAL A 296 2.74 -5.61 -6.46
C VAL A 296 2.69 -5.60 -4.94
N THR A 297 3.85 -5.53 -4.28
CA THR A 297 3.86 -5.51 -2.83
C THR A 297 3.67 -4.11 -2.27
N THR A 298 4.09 -3.08 -2.99
CA THR A 298 4.05 -1.73 -2.45
C THR A 298 2.61 -1.24 -2.33
N LYS A 299 2.43 -0.22 -1.49
CA LYS A 299 1.12 0.38 -1.25
C LYS A 299 0.84 1.58 -2.15
N LYS A 300 1.84 2.08 -2.87
CA LYS A 300 1.64 3.27 -3.68
C LYS A 300 0.79 2.95 -4.90
N ARG A 301 -0.32 3.69 -5.06
CA ARG A 301 -1.17 3.55 -6.22
C ARG A 301 -0.46 3.91 -7.52
N GLU A 302 0.58 4.75 -7.44
CA GLU A 302 1.23 5.23 -8.65
C GLU A 302 2.00 4.12 -9.36
N ALA A 303 2.57 3.17 -8.61
CA ALA A 303 3.41 2.14 -9.21
C ALA A 303 2.65 1.26 -10.20
N ARG A 304 1.32 1.26 -10.12
CA ARG A 304 0.53 0.44 -11.04
C ARG A 304 0.75 0.83 -12.49
N GLN A 305 0.92 2.13 -12.76
CA GLN A 305 1.14 2.58 -14.13
C GLN A 305 2.47 2.10 -14.69
N ILE A 306 3.42 1.74 -13.82
CA ILE A 306 4.73 1.30 -14.29
C ILE A 306 4.61 -0.06 -15.01
N LEU A 307 3.76 -0.95 -14.50
CA LEU A 307 3.63 -2.26 -15.13
C LEU A 307 3.07 -2.15 -16.53
N ASP A 308 2.33 -1.09 -16.82
CA ASP A 308 1.82 -0.86 -18.16
C ASP A 308 2.91 -0.42 -19.15
N GLN A 309 4.08 -0.01 -18.66
CA GLN A 309 5.14 0.45 -19.54
C GLN A 309 5.60 -0.67 -20.48
N THR A 310 6.09 -0.26 -21.65
CA THR A 310 6.30 -1.16 -22.78
C THR A 310 7.33 -2.27 -22.58
N PRO A 311 8.36 -2.13 -21.73
CA PRO A 311 9.18 -3.31 -21.43
C PRO A 311 8.49 -4.29 -20.51
N VAL A 312 7.65 -3.81 -19.60
CA VAL A 312 7.02 -4.69 -18.62
C VAL A 312 5.73 -5.29 -19.18
N LYS A 313 4.98 -4.51 -19.96
CA LYS A 313 3.64 -4.94 -20.37
C LYS A 313 3.71 -6.20 -21.24
N GLU A 314 4.72 -6.31 -22.10
CA GLU A 314 4.89 -7.55 -22.85
C GLU A 314 5.28 -8.70 -21.94
N LEU A 315 6.11 -8.42 -20.93
CA LEU A 315 6.57 -9.46 -20.03
C LEU A 315 5.41 -10.08 -19.25
N VAL A 316 4.58 -9.24 -18.64
CA VAL A 316 3.48 -9.76 -17.83
C VAL A 316 2.42 -10.41 -18.72
N SER A 317 2.16 -9.84 -19.89
CA SER A 317 1.17 -10.43 -20.79
C SER A 317 1.63 -11.81 -21.26
N LEU A 318 2.88 -11.92 -21.71
CA LEU A 318 3.42 -13.22 -22.10
C LEU A 318 3.42 -14.19 -20.93
N LYS A 319 3.53 -13.67 -19.71
CA LYS A 319 3.57 -14.53 -18.52
C LYS A 319 2.22 -15.16 -18.24
N TRP A 320 1.14 -14.38 -18.34
CA TRP A 320 -0.17 -14.93 -17.98
C TRP A 320 -0.81 -15.67 -19.14
N LYS A 321 -0.66 -15.17 -20.37
CA LYS A 321 -1.29 -15.82 -21.50
C LYS A 321 -0.76 -17.25 -21.69
N ARG A 322 0.51 -17.48 -21.38
CA ARG A 322 1.12 -18.80 -21.48
C ARG A 322 1.85 -19.11 -20.18
N TYR A 323 1.62 -20.31 -19.64
CA TYR A 323 2.19 -20.84 -18.40
C TYR A 323 1.46 -20.34 -17.16
N GLY A 324 0.77 -19.20 -17.25
CA GLY A 324 0.12 -18.61 -16.10
C GLY A 324 -1.36 -18.91 -15.96
N ARG A 325 -2.14 -18.49 -16.96
CA ARG A 325 -3.58 -18.74 -16.96
C ARG A 325 -3.96 -20.21 -16.77
N PRO A 326 -3.31 -21.19 -17.41
CA PRO A 326 -3.72 -22.59 -17.16
C PRO A 326 -3.54 -23.03 -15.72
N TYR A 327 -2.37 -22.76 -15.12
CA TYR A 327 -2.12 -23.20 -13.75
C TYR A 327 -3.12 -22.60 -12.78
N PHE A 328 -3.52 -21.36 -13.01
CA PHE A 328 -4.54 -20.73 -12.17
C PHE A 328 -5.86 -21.49 -12.26
N CYS A 329 -6.27 -21.86 -13.47
CA CYS A 329 -7.50 -22.63 -13.63
C CYS A 329 -7.36 -24.05 -13.13
N VAL A 330 -6.17 -24.64 -13.28
CA VAL A 330 -5.95 -26.01 -12.78
C VAL A 330 -6.13 -26.07 -11.27
N LEU A 331 -5.58 -25.09 -10.55
CA LEU A 331 -5.80 -25.02 -9.11
C LEU A 331 -7.27 -24.87 -8.79
N GLY A 332 -7.98 -24.04 -9.57
CA GLY A 332 -9.41 -23.91 -9.36
C GLY A 332 -10.15 -25.21 -9.56
N ALA A 333 -9.81 -25.94 -10.62
CA ALA A 333 -10.41 -27.25 -10.86
C ALA A 333 -10.15 -28.19 -9.69
N ILE A 334 -8.91 -28.22 -9.20
CA ILE A 334 -8.59 -29.01 -8.01
C ILE A 334 -9.37 -28.47 -6.81
N TYR A 335 -9.35 -27.14 -6.62
CA TYR A 335 -10.02 -26.55 -5.47
C TYR A 335 -11.52 -26.82 -5.50
N VAL A 336 -12.16 -26.58 -6.64
CA VAL A 336 -13.59 -26.85 -6.77
C VAL A 336 -13.88 -28.32 -6.48
N LEU A 337 -13.06 -29.22 -7.03
CA LEU A 337 -13.24 -30.64 -6.78
C LEU A 337 -13.08 -30.96 -5.31
N TYR A 338 -12.03 -30.42 -4.68
CA TYR A 338 -11.82 -30.67 -3.26
C TYR A 338 -13.00 -30.18 -2.43
N ILE A 339 -13.59 -29.04 -2.81
CA ILE A 339 -14.69 -28.49 -2.03
C ILE A 339 -15.96 -29.29 -2.26
N ILE A 340 -16.27 -29.62 -3.53
CA ILE A 340 -17.56 -30.25 -3.84
C ILE A 340 -17.63 -31.64 -3.23
N CYS A 341 -16.49 -32.33 -3.07
CA CYS A 341 -16.49 -33.61 -2.39
C CYS A 341 -16.74 -33.43 -0.90
N PHE A 342 -16.17 -32.38 -0.32
CA PHE A 342 -16.36 -32.12 1.10
C PHE A 342 -17.82 -31.86 1.43
N THR A 343 -18.54 -31.17 0.55
CA THR A 343 -19.97 -30.95 0.75
C THR A 343 -20.72 -32.28 0.70
N MET A 344 -20.27 -33.19 -0.17
CA MET A 344 -20.91 -34.50 -0.28
C MET A 344 -20.86 -35.24 1.05
N CYS A 345 -19.78 -35.05 1.83
CA CYS A 345 -19.74 -35.64 3.15
C CYS A 345 -20.75 -35.00 4.07
N CYS A 346 -20.99 -33.69 3.91
CA CYS A 346 -21.88 -32.98 4.82
C CYS A 346 -23.34 -33.38 4.61
N VAL A 347 -23.77 -33.45 3.35
CA VAL A 347 -25.18 -33.73 3.07
C VAL A 347 -25.56 -35.13 3.52
N TYR A 348 -24.69 -36.11 3.29
CA TYR A 348 -24.93 -37.47 3.75
C TYR A 348 -24.11 -37.68 5.03
N ARG A 349 -24.63 -37.12 6.12
CA ARG A 349 -24.00 -37.04 7.44
C ARG A 349 -24.56 -38.12 8.36
N PRO A 350 -24.06 -38.25 9.62
CA PRO A 350 -24.58 -39.30 10.52
C PRO A 350 -26.09 -39.36 10.67
N LEU A 351 -26.59 -40.54 11.05
CA LEU A 351 -28.02 -40.78 11.19
C LEU A 351 -28.58 -40.08 12.41
N LYS A 352 -29.81 -39.55 12.27
CA LYS A 352 -30.41 -38.64 13.23
C LYS A 352 -31.81 -39.12 13.61
N PRO A 353 -31.91 -40.06 14.55
CA PRO A 353 -33.22 -40.69 14.82
C PRO A 353 -33.96 -40.13 16.03
N ARG A 354 -33.30 -39.31 16.85
CA ARG A 354 -33.87 -38.78 18.09
C ARG A 354 -34.14 -39.94 19.05
N ILE A 355 -33.19 -40.19 19.96
CA ILE A 355 -33.32 -41.28 20.91
C ILE A 355 -34.26 -40.90 22.05
N THR A 356 -34.02 -39.74 22.65
CA THR A 356 -34.86 -39.25 23.74
C THR A 356 -35.97 -38.37 23.15
N ASN A 357 -37.21 -38.85 23.28
CA ASN A 357 -38.36 -38.08 22.79
C ASN A 357 -38.82 -37.09 23.87
N ARG A 358 -37.89 -36.20 24.23
CA ARG A 358 -38.19 -35.13 25.17
C ARG A 358 -39.46 -34.40 24.77
N THR A 359 -39.42 -33.72 23.62
CA THR A 359 -40.59 -33.18 22.95
C THR A 359 -41.42 -32.26 23.85
N ASN A 360 -41.95 -32.80 24.95
CA ASN A 360 -42.85 -32.01 25.81
C ASN A 360 -42.19 -30.75 26.35
N PRO A 361 -40.99 -30.78 26.94
CA PRO A 361 -40.33 -29.52 27.29
C PRO A 361 -39.96 -28.75 26.04
N ARG A 362 -40.38 -27.49 25.97
CA ARG A 362 -40.28 -26.68 24.77
C ARG A 362 -40.93 -27.41 23.59
N ASP A 363 -42.24 -27.60 23.71
CA ASP A 363 -42.97 -28.42 22.75
C ASP A 363 -42.74 -27.98 21.31
N ASN A 364 -42.30 -26.74 21.10
CA ASN A 364 -41.94 -26.29 19.76
C ASN A 364 -40.80 -27.12 19.19
N THR A 365 -39.87 -27.55 20.03
CA THR A 365 -38.70 -28.30 19.61
C THR A 365 -39.07 -29.51 18.76
N LEU A 366 -38.31 -29.72 17.69
CA LEU A 366 -38.59 -30.75 16.70
C LEU A 366 -37.37 -31.61 16.38
N LEU A 367 -36.25 -31.38 17.05
CA LEU A 367 -34.96 -31.95 16.61
C LEU A 367 -35.02 -33.47 16.48
N GLN A 368 -34.30 -33.98 15.48
CA GLN A 368 -33.89 -35.38 15.39
C GLN A 368 -32.39 -35.34 15.13
N GLN A 369 -31.59 -35.71 16.14
CA GLN A 369 -30.17 -35.39 16.19
C GLN A 369 -29.31 -36.59 15.83
N LYS A 370 -28.16 -36.32 15.21
CA LYS A 370 -27.24 -37.36 14.77
C LYS A 370 -26.36 -37.84 15.91
N LEU A 371 -25.26 -37.14 16.15
CA LEU A 371 -24.50 -37.19 17.39
C LEU A 371 -23.75 -38.51 17.57
N LEU A 372 -24.03 -39.23 18.66
CA LEU A 372 -23.10 -40.24 19.17
C LEU A 372 -23.46 -41.63 18.65
N GLN A 373 -22.96 -41.95 17.46
CA GLN A 373 -23.04 -43.31 16.97
C GLN A 373 -21.69 -43.92 16.61
N GLU A 374 -20.63 -43.11 16.55
CA GLU A 374 -19.27 -43.59 16.31
C GLU A 374 -19.19 -44.47 15.07
N ALA A 375 -19.52 -43.86 13.93
CA ALA A 375 -19.58 -44.53 12.63
C ALA A 375 -20.60 -45.67 12.65
N TYR A 376 -20.51 -46.56 11.66
CA TYR A 376 -21.39 -47.70 11.55
C TYR A 376 -20.76 -48.71 10.61
N VAL A 377 -21.49 -49.79 10.33
CA VAL A 377 -21.03 -50.77 9.35
C VAL A 377 -20.90 -50.08 8.00
N THR A 378 -19.92 -50.50 7.21
CA THR A 378 -19.47 -49.66 6.11
C THR A 378 -19.71 -50.23 4.71
N PRO A 379 -20.90 -50.07 4.16
CA PRO A 379 -21.04 -50.11 2.70
C PRO A 379 -21.15 -48.70 2.13
N LYS A 380 -22.31 -48.07 2.31
CA LYS A 380 -22.43 -46.64 2.05
C LYS A 380 -21.58 -45.83 3.01
N ASP A 381 -21.35 -46.36 4.22
CA ASP A 381 -20.61 -45.64 5.24
C ASP A 381 -19.11 -45.62 4.96
N ASP A 382 -18.59 -46.61 4.23
CA ASP A 382 -17.16 -46.67 3.96
C ASP A 382 -16.69 -45.46 3.16
N LEU A 383 -17.44 -45.11 2.11
CA LEU A 383 -17.03 -44.00 1.26
C LEU A 383 -17.05 -42.67 2.01
N ARG A 384 -17.87 -42.57 3.06
CA ARG A 384 -17.92 -41.32 3.81
C ARG A 384 -16.61 -41.04 4.52
N LEU A 385 -15.90 -42.08 4.95
CA LEU A 385 -14.61 -41.86 5.62
C LEU A 385 -13.54 -41.40 4.62
N VAL A 386 -13.57 -41.95 3.41
CA VAL A 386 -12.57 -41.56 2.42
C VAL A 386 -12.75 -40.10 2.02
N GLY A 387 -13.98 -39.59 2.09
CA GLY A 387 -14.20 -38.18 1.84
C GLY A 387 -13.74 -37.31 2.99
N GLU A 388 -13.95 -37.78 4.22
CA GLU A 388 -13.45 -37.06 5.39
C GLU A 388 -11.93 -37.12 5.46
N LEU A 389 -11.32 -38.17 4.91
CA LEU A 389 -9.88 -38.25 4.88
C LEU A 389 -9.28 -37.14 4.02
N VAL A 390 -10.05 -36.64 3.05
CA VAL A 390 -9.60 -35.51 2.25
C VAL A 390 -9.55 -34.23 3.08
N SER A 391 -10.34 -34.16 4.17
CA SER A 391 -10.38 -32.95 4.98
C SER A 391 -9.04 -32.72 5.68
N ILE A 392 -8.43 -33.77 6.22
CA ILE A 392 -7.15 -33.59 6.91
C ILE A 392 -6.04 -33.27 5.92
N VAL A 393 -6.18 -33.68 4.66
CA VAL A 393 -5.21 -33.28 3.64
C VAL A 393 -5.24 -31.76 3.47
N GLY A 394 -6.42 -31.21 3.21
CA GLY A 394 -6.55 -29.76 3.17
C GLY A 394 -6.20 -29.11 4.49
N ALA A 395 -6.54 -29.76 5.60
CA ALA A 395 -6.19 -29.23 6.90
C ALA A 395 -4.68 -29.21 7.13
N VAL A 396 -3.95 -30.09 6.45
CA VAL A 396 -2.49 -30.10 6.56
C VAL A 396 -1.85 -29.27 5.45
N ILE A 397 -2.39 -29.35 4.23
CA ILE A 397 -1.88 -28.52 3.13
C ILE A 397 -2.02 -27.05 3.47
N ILE A 398 -3.17 -26.66 4.04
CA ILE A 398 -3.34 -25.29 4.49
C ILE A 398 -2.57 -25.05 5.79
N LEU A 399 -2.32 -26.10 6.57
CA LEU A 399 -1.36 -25.97 7.67
C LEU A 399 0.04 -25.73 7.14
N LEU A 400 0.37 -26.32 5.99
CA LEU A 400 1.59 -26.00 5.27
C LEU A 400 1.46 -24.68 4.53
N VAL A 401 0.28 -24.05 4.56
CA VAL A 401 0.14 -22.64 4.21
C VAL A 401 0.16 -21.75 5.45
N GLU A 402 -0.28 -22.26 6.60
CA GLU A 402 -0.34 -21.44 7.82
C GLU A 402 0.98 -21.46 8.57
N ILE A 403 1.75 -22.54 8.43
CA ILE A 403 3.13 -22.54 8.95
C ILE A 403 3.97 -21.47 8.28
N PRO A 404 3.95 -21.30 6.93
CA PRO A 404 4.60 -20.11 6.34
C PRO A 404 3.68 -18.90 6.33
N ASP A 405 2.84 -18.76 7.36
CA ASP A 405 2.03 -17.56 7.57
C ASP A 405 2.58 -16.70 8.70
N ILE A 406 3.69 -17.11 9.31
CA ILE A 406 4.39 -16.34 10.33
C ILE A 406 5.88 -16.64 10.15
N PHE A 407 6.16 -17.72 9.43
CA PHE A 407 7.53 -18.10 9.09
C PHE A 407 8.07 -17.21 7.99
N ARG A 408 9.27 -16.67 8.21
CA ARG A 408 9.91 -15.69 7.33
C ARG A 408 9.16 -14.36 7.33
N LEU A 409 7.93 -14.36 6.81
CA LEU A 409 7.14 -13.15 6.68
C LEU A 409 6.26 -12.97 7.92
N GLY A 410 5.42 -11.93 7.92
CA GLY A 410 4.40 -11.83 8.95
C GLY A 410 4.10 -10.46 9.53
N VAL A 411 3.39 -9.63 8.76
CA VAL A 411 2.72 -8.41 9.22
C VAL A 411 1.89 -7.89 8.06
N THR A 412 2.56 -7.32 7.05
CA THR A 412 2.04 -7.20 5.69
C THR A 412 2.76 -8.14 4.74
N ARG A 413 4.00 -8.51 5.06
CA ARG A 413 4.83 -9.38 4.24
C ARG A 413 4.17 -10.71 3.91
N PHE A 414 3.06 -11.03 4.58
CA PHE A 414 2.20 -12.09 4.08
C PHE A 414 1.08 -11.51 3.21
N PHE A 415 0.35 -10.53 3.74
CA PHE A 415 -0.71 -9.88 2.97
C PHE A 415 -0.17 -9.18 1.73
N GLY A 416 1.14 -8.89 1.69
CA GLY A 416 1.75 -8.34 0.51
C GLY A 416 2.32 -9.42 -0.38
N GLN A 417 2.62 -10.57 0.20
CA GLN A 417 3.13 -11.72 -0.55
C GLN A 417 2.04 -12.71 -0.90
N THR A 418 0.92 -12.70 -0.19
CA THR A 418 -0.14 -13.67 -0.46
C THR A 418 -0.70 -13.43 -1.86
N ILE A 419 -0.57 -14.44 -2.69
CA ILE A 419 -1.11 -14.41 -4.04
C ILE A 419 -1.80 -15.74 -4.22
N LEU A 420 -1.33 -16.74 -3.48
CA LEU A 420 -2.15 -17.89 -3.13
C LEU A 420 -3.52 -17.35 -2.77
N GLY A 421 -4.37 -17.19 -3.78
CA GLY A 421 -5.66 -16.54 -3.61
C GLY A 421 -5.56 -15.03 -3.65
N GLY A 422 -4.68 -14.47 -2.81
CA GLY A 422 -4.52 -13.04 -2.72
C GLY A 422 -5.67 -12.43 -1.95
N PRO A 423 -6.63 -11.85 -2.67
CA PRO A 423 -7.91 -11.49 -2.05
C PRO A 423 -8.63 -12.73 -1.55
N PHE A 424 -9.49 -12.51 -0.57
CA PHE A 424 -10.09 -13.61 0.21
C PHE A 424 -8.92 -14.42 0.79
N HIS A 425 -9.05 -15.74 0.88
CA HIS A 425 -7.96 -16.64 1.25
C HIS A 425 -7.26 -16.29 2.55
N VAL A 426 -7.76 -15.29 3.27
CA VAL A 426 -7.56 -15.26 4.71
C VAL A 426 -8.54 -16.22 5.36
N ILE A 427 -9.70 -16.42 4.73
CA ILE A 427 -10.72 -17.31 5.25
C ILE A 427 -10.42 -18.79 4.96
N ILE A 428 -9.59 -19.08 3.96
CA ILE A 428 -9.27 -20.47 3.66
C ILE A 428 -8.55 -21.12 4.83
N VAL A 429 -7.72 -20.35 5.54
CA VAL A 429 -7.01 -20.91 6.69
C VAL A 429 -7.95 -21.03 7.87
N THR A 430 -8.97 -20.16 7.96
CA THR A 430 -10.00 -20.34 8.98
C THR A 430 -10.88 -21.53 8.65
N TYR A 431 -11.09 -21.80 7.35
CA TYR A 431 -11.86 -22.96 6.94
C TYR A 431 -11.20 -24.25 7.41
N ALA A 432 -9.88 -24.36 7.22
CA ALA A 432 -9.17 -25.54 7.70
C ALA A 432 -9.23 -25.64 9.22
N PHE A 433 -9.28 -24.50 9.91
CA PHE A 433 -9.48 -24.52 11.36
C PHE A 433 -10.86 -25.08 11.70
N MET A 434 -11.89 -24.67 10.95
CA MET A 434 -13.22 -25.25 11.17
C MET A 434 -13.24 -26.73 10.83
N VAL A 435 -12.49 -27.12 9.79
CA VAL A 435 -12.35 -28.54 9.48
C VAL A 435 -11.72 -29.28 10.65
N LEU A 436 -10.66 -28.69 11.24
CA LEU A 436 -10.05 -29.31 12.41
C LEU A 436 -10.97 -29.29 13.61
N VAL A 437 -11.74 -28.21 13.78
CA VAL A 437 -12.68 -28.14 14.90
C VAL A 437 -13.81 -29.14 14.70
N THR A 438 -14.29 -29.28 13.46
CA THR A 438 -15.31 -30.29 13.19
C THR A 438 -14.78 -31.69 13.46
N MET A 439 -13.48 -31.93 13.23
CA MET A 439 -12.87 -33.19 13.64
C MET A 439 -12.92 -33.36 15.15
N VAL A 440 -12.63 -32.28 15.89
CA VAL A 440 -12.78 -32.30 17.34
C VAL A 440 -14.26 -32.34 17.71
N MET A 441 -15.13 -31.79 16.86
CA MET A 441 -16.56 -31.90 17.10
C MET A 441 -17.02 -33.35 16.99
N ARG A 442 -16.49 -34.09 16.02
CA ARG A 442 -16.59 -35.53 16.02
C ARG A 442 -15.72 -36.10 17.14
N LEU A 443 -15.88 -37.41 17.40
CA LEU A 443 -15.22 -38.16 18.47
C LEU A 443 -15.59 -37.64 19.86
N THR A 444 -16.33 -36.53 19.92
CA THR A 444 -16.91 -36.03 21.16
C THR A 444 -18.42 -35.98 21.13
N ASN A 445 -19.03 -35.94 19.93
CA ASN A 445 -20.47 -36.04 19.75
C ASN A 445 -21.21 -34.94 20.50
N SER A 446 -20.82 -33.69 20.23
CA SER A 446 -21.41 -32.55 20.88
C SER A 446 -22.66 -32.09 20.12
N ASP A 447 -23.56 -31.44 20.86
CA ASP A 447 -24.78 -30.92 20.25
C ASP A 447 -24.46 -29.97 19.09
N GLY A 448 -23.58 -29.01 19.33
CA GLY A 448 -23.16 -28.10 18.28
C GLY A 448 -22.31 -28.77 17.22
N GLU A 449 -22.84 -29.82 16.60
CA GLU A 449 -22.14 -30.46 15.48
C GLU A 449 -22.32 -29.67 14.20
N VAL A 450 -23.46 -29.00 14.04
CA VAL A 450 -23.78 -28.33 12.79
C VAL A 450 -22.98 -27.03 12.66
N VAL A 451 -22.82 -26.29 13.76
CA VAL A 451 -22.27 -24.92 13.66
C VAL A 451 -20.85 -24.91 13.14
N PRO A 452 -19.91 -25.77 13.58
CA PRO A 452 -18.60 -25.76 12.92
C PRO A 452 -18.63 -26.31 11.51
N MET A 453 -19.50 -27.28 11.25
CA MET A 453 -19.59 -27.86 9.91
C MET A 453 -20.24 -26.89 8.93
N SER A 454 -21.14 -26.03 9.42
CA SER A 454 -21.87 -25.13 8.53
C SER A 454 -20.97 -24.01 8.00
N PHE A 455 -20.07 -23.50 8.84
CA PHE A 455 -19.23 -22.38 8.44
C PHE A 455 -18.33 -22.72 7.26
N ALA A 456 -17.85 -23.97 7.20
CA ALA A 456 -16.94 -24.37 6.13
C ALA A 456 -17.64 -24.35 4.77
N LEU A 457 -18.93 -24.67 4.72
CA LEU A 457 -19.64 -24.73 3.45
C LEU A 457 -19.79 -23.34 2.83
N VAL A 458 -20.17 -22.36 3.64
CA VAL A 458 -20.31 -20.99 3.12
C VAL A 458 -18.95 -20.44 2.70
N LEU A 459 -17.95 -20.58 3.56
CA LEU A 459 -16.64 -20.00 3.29
C LEU A 459 -15.91 -20.74 2.18
N GLY A 460 -16.14 -22.05 2.06
CA GLY A 460 -15.44 -22.81 1.04
C GLY A 460 -15.88 -22.45 -0.36
N TRP A 461 -17.19 -22.21 -0.54
CA TRP A 461 -17.72 -21.83 -1.84
C TRP A 461 -17.61 -20.33 -2.10
N CYS A 462 -17.78 -19.49 -1.06
CA CYS A 462 -17.57 -18.07 -1.25
C CYS A 462 -16.14 -17.77 -1.68
N ASN A 463 -15.19 -18.61 -1.29
CA ASN A 463 -13.82 -18.43 -1.71
C ASN A 463 -13.60 -18.83 -3.17
N VAL A 464 -14.52 -19.61 -3.75
CA VAL A 464 -14.35 -20.04 -5.13
C VAL A 464 -14.29 -18.84 -6.07
N MET A 465 -15.04 -17.77 -5.77
CA MET A 465 -15.01 -16.58 -6.60
C MET A 465 -13.70 -15.80 -6.51
N ALA A 466 -12.75 -16.24 -5.68
CA ALA A 466 -11.40 -15.71 -5.79
C ALA A 466 -10.78 -16.11 -7.12
N PHE A 467 -11.16 -17.27 -7.66
CA PHE A 467 -10.71 -17.67 -8.98
C PHE A 467 -11.40 -16.86 -10.08
N ALA A 468 -12.46 -16.13 -9.76
CA ALA A 468 -13.04 -15.19 -10.71
C ALA A 468 -12.10 -14.03 -10.98
N ARG A 469 -11.18 -13.73 -10.05
CA ARG A 469 -10.07 -12.85 -10.35
C ARG A 469 -9.34 -13.34 -11.59
N GLY A 470 -8.99 -12.42 -12.46
CA GLY A 470 -8.50 -12.82 -13.76
C GLY A 470 -9.65 -13.43 -14.54
N PHE A 471 -9.42 -14.64 -15.06
CA PHE A 471 -10.43 -15.37 -15.83
C PHE A 471 -10.95 -14.49 -16.96
N GLN A 472 -12.22 -14.08 -16.88
CA GLN A 472 -12.77 -13.19 -17.90
C GLN A 472 -13.12 -11.83 -17.31
N MET A 473 -14.23 -11.25 -17.75
CA MET A 473 -14.59 -9.88 -17.39
C MET A 473 -15.45 -9.80 -16.14
N LEU A 474 -15.56 -10.89 -15.38
CA LEU A 474 -16.15 -10.81 -14.05
C LEU A 474 -15.11 -10.44 -12.99
N GLY A 475 -13.83 -10.61 -13.30
CA GLY A 475 -12.75 -10.21 -12.42
C GLY A 475 -12.85 -8.78 -11.91
N PRO A 476 -13.02 -7.81 -12.82
CA PRO A 476 -13.29 -6.43 -12.37
C PRO A 476 -14.57 -6.31 -11.56
N PHE A 477 -15.60 -7.11 -11.87
CA PHE A 477 -16.81 -7.09 -11.05
C PHE A 477 -16.51 -7.55 -9.63
N THR A 478 -15.71 -8.62 -9.48
CA THR A 478 -15.37 -9.10 -8.15
C THR A 478 -14.57 -8.07 -7.36
N ILE A 479 -13.96 -7.09 -8.03
CA ILE A 479 -13.21 -6.07 -7.32
C ILE A 479 -14.17 -5.11 -6.62
N MET A 480 -15.29 -4.77 -7.27
CA MET A 480 -16.28 -3.90 -6.64
C MET A 480 -16.77 -4.49 -5.33
N ILE A 481 -17.35 -5.70 -5.39
CA ILE A 481 -17.89 -6.35 -4.21
C ILE A 481 -16.80 -6.56 -3.16
N GLN A 482 -15.60 -6.94 -3.59
CA GLN A 482 -14.48 -7.07 -2.67
C GLN A 482 -14.24 -5.76 -1.93
N LYS A 483 -14.22 -4.64 -2.67
CA LYS A 483 -14.08 -3.35 -2.01
C LYS A 483 -15.28 -3.05 -1.11
N MET A 484 -16.49 -3.33 -1.60
CA MET A 484 -17.69 -2.99 -0.84
C MET A 484 -17.76 -3.75 0.48
N ILE A 485 -17.35 -5.02 0.48
CA ILE A 485 -17.46 -5.84 1.69
C ILE A 485 -16.62 -5.24 2.82
N PHE A 486 -15.38 -4.87 2.51
CA PHE A 486 -14.39 -4.54 3.51
C PHE A 486 -14.22 -3.03 3.75
N GLY A 487 -14.98 -2.18 3.04
CA GLY A 487 -14.78 -0.75 3.17
C GLY A 487 -16.07 -0.03 3.57
N ASP A 488 -16.89 0.34 2.58
CA ASP A 488 -18.03 1.22 2.85
C ASP A 488 -19.11 0.54 3.67
N LEU A 489 -19.23 -0.79 3.55
CA LEU A 489 -20.35 -1.49 4.19
C LEU A 489 -20.32 -1.33 5.70
N MET A 490 -19.17 -1.60 6.32
CA MET A 490 -19.09 -1.58 7.79
C MET A 490 -19.56 -0.26 8.35
N ARG A 491 -19.10 0.85 7.79
CA ARG A 491 -19.56 2.16 8.25
C ARG A 491 -21.07 2.31 8.02
N PHE A 492 -21.53 1.99 6.81
CA PHE A 492 -22.95 2.13 6.52
C PHE A 492 -23.79 1.17 7.35
N CYS A 493 -23.33 -0.07 7.52
CA CYS A 493 -24.08 -1.06 8.29
C CYS A 493 -24.40 -0.54 9.68
N TRP A 494 -23.49 0.24 10.27
CA TRP A 494 -23.80 0.87 11.56
C TRP A 494 -25.02 1.77 11.46
N LEU A 495 -25.12 2.55 10.38
CA LEU A 495 -26.29 3.40 10.19
C LEU A 495 -27.55 2.57 9.96
N MET A 496 -27.41 1.41 9.30
CA MET A 496 -28.55 0.52 9.16
C MET A 496 -28.86 -0.21 10.47
N ALA A 497 -27.84 -0.40 11.32
CA ALA A 497 -28.07 -1.00 12.63
C ALA A 497 -28.92 -0.08 13.50
N VAL A 498 -28.57 1.21 13.53
CA VAL A 498 -29.47 2.22 14.05
C VAL A 498 -30.73 2.24 13.16
N VAL A 499 -31.77 2.93 13.64
CA VAL A 499 -33.12 2.99 13.09
C VAL A 499 -33.81 1.63 13.22
N ILE A 500 -33.08 0.53 13.06
CA ILE A 500 -33.63 -0.78 13.40
C ILE A 500 -33.88 -0.86 14.89
N LEU A 501 -32.92 -0.37 15.68
CA LEU A 501 -33.09 -0.35 17.13
C LEU A 501 -34.36 0.40 17.54
N GLY A 502 -34.64 1.52 16.86
CA GLY A 502 -35.84 2.27 17.17
C GLY A 502 -37.10 1.53 16.77
N PHE A 503 -37.14 1.04 15.53
CA PHE A 503 -38.37 0.43 15.00
C PHE A 503 -38.56 -1.00 15.50
N ALA A 504 -37.48 -1.80 15.54
CA ALA A 504 -37.61 -3.18 15.98
C ALA A 504 -38.01 -3.26 17.45
N SER A 505 -37.40 -2.43 18.30
CA SER A 505 -37.80 -2.42 19.70
C SER A 505 -39.19 -1.84 19.89
N ALA A 506 -39.57 -0.86 19.05
CA ALA A 506 -40.92 -0.31 19.12
C ALA A 506 -41.95 -1.39 18.82
N PHE A 507 -41.80 -2.05 17.67
CA PHE A 507 -42.75 -3.10 17.27
C PHE A 507 -42.93 -4.15 18.38
N TYR A 508 -41.84 -4.52 19.04
CA TYR A 508 -41.92 -5.46 20.15
C TYR A 508 -42.83 -4.95 21.25
N ILE A 509 -42.71 -3.67 21.58
CA ILE A 509 -43.51 -3.08 22.65
C ILE A 509 -44.99 -3.11 22.30
N ILE A 510 -45.33 -2.72 21.07
CA ILE A 510 -46.72 -2.71 20.64
C ILE A 510 -47.30 -4.11 20.73
N PHE A 511 -46.57 -5.09 20.21
CA PHE A 511 -47.02 -6.47 20.11
C PHE A 511 -46.74 -7.29 21.37
N GLN A 512 -46.04 -6.72 22.35
CA GLN A 512 -45.83 -7.44 23.61
C GLN A 512 -47.15 -7.67 24.33
N THR A 513 -48.04 -6.69 24.25
CA THR A 513 -49.34 -6.81 24.92
C THR A 513 -50.14 -7.98 24.35
N GLU A 514 -50.25 -8.06 23.03
CA GLU A 514 -51.25 -8.89 22.39
C GLU A 514 -50.83 -10.35 22.35
N ASP A 515 -51.79 -11.20 22.00
CA ASP A 515 -51.56 -12.64 21.93
C ASP A 515 -50.73 -12.96 20.69
N PRO A 516 -49.54 -13.53 20.83
CA PRO A 516 -48.70 -13.85 19.66
C PRO A 516 -49.00 -15.18 18.99
N ASP A 517 -50.06 -15.89 19.39
CA ASP A 517 -50.39 -17.17 18.76
C ASP A 517 -50.64 -17.00 17.27
N GLU A 518 -51.29 -15.91 16.88
CA GLU A 518 -51.48 -15.55 15.49
C GLU A 518 -50.85 -14.18 15.25
N LEU A 519 -49.97 -14.11 14.26
CA LEU A 519 -49.27 -12.87 13.93
C LEU A 519 -48.40 -12.42 15.11
N GLY A 520 -47.45 -13.28 15.45
CA GLY A 520 -46.47 -12.99 16.49
C GLY A 520 -45.07 -12.84 15.92
N HIS A 521 -44.91 -11.89 15.00
CA HIS A 521 -43.62 -11.70 14.34
C HIS A 521 -42.52 -11.35 15.34
N PHE A 522 -42.89 -10.73 16.47
CA PHE A 522 -41.92 -10.32 17.48
C PHE A 522 -42.36 -10.85 18.84
N TYR A 523 -42.23 -12.16 19.04
CA TYR A 523 -42.67 -12.74 20.31
C TYR A 523 -41.65 -12.50 21.43
N ASP A 524 -40.35 -12.61 21.13
CA ASP A 524 -39.33 -12.19 22.07
C ASP A 524 -38.42 -11.18 21.39
N TYR A 525 -37.55 -10.55 22.19
CA TYR A 525 -36.74 -9.45 21.68
C TYR A 525 -35.74 -9.89 20.60
N PRO A 526 -35.00 -11.00 20.75
CA PRO A 526 -34.12 -11.42 19.63
C PRO A 526 -34.87 -11.71 18.34
N MET A 527 -36.13 -12.14 18.42
CA MET A 527 -36.92 -12.31 17.21
C MET A 527 -37.47 -10.99 16.70
N ALA A 528 -37.67 -10.02 17.60
CA ALA A 528 -38.16 -8.71 17.18
C ALA A 528 -37.16 -8.02 16.27
N LEU A 529 -35.87 -8.10 16.62
CA LEU A 529 -34.84 -7.49 15.78
C LEU A 529 -34.74 -8.22 14.45
N PHE A 530 -34.68 -9.56 14.50
CA PHE A 530 -34.52 -10.34 13.28
C PHE A 530 -35.71 -10.16 12.35
N SER A 531 -36.93 -10.09 12.89
CA SER A 531 -38.11 -9.91 12.04
C SER A 531 -38.12 -8.54 11.39
N THR A 532 -37.67 -7.50 12.11
CA THR A 532 -37.61 -6.17 11.53
C THR A 532 -36.47 -6.06 10.53
N PHE A 533 -35.34 -6.72 10.81
CA PHE A 533 -34.22 -6.72 9.87
C PHE A 533 -34.62 -7.32 8.54
N GLU A 534 -35.35 -8.45 8.56
CA GLU A 534 -35.92 -8.99 7.33
C GLU A 534 -36.82 -7.97 6.66
N LEU A 535 -37.63 -7.28 7.46
CA LEU A 535 -38.59 -6.31 6.93
C LEU A 535 -37.88 -5.12 6.31
N PHE A 536 -36.67 -4.80 6.76
CA PHE A 536 -35.94 -3.67 6.21
C PHE A 536 -35.63 -3.88 4.74
N LEU A 537 -35.32 -5.12 4.35
CA LEU A 537 -35.10 -5.47 2.96
C LEU A 537 -36.35 -6.03 2.29
N THR A 538 -37.50 -5.92 2.94
CA THR A 538 -38.81 -6.28 2.36
C THR A 538 -38.87 -7.73 1.90
N ILE A 539 -38.22 -8.63 2.62
CA ILE A 539 -38.25 -10.03 2.22
C ILE A 539 -39.60 -10.65 2.57
N ILE A 540 -40.05 -10.45 3.81
CA ILE A 540 -41.36 -10.96 4.21
C ILE A 540 -42.45 -10.04 3.69
N ASP A 541 -43.68 -10.55 3.69
CA ASP A 541 -44.83 -9.74 3.29
C ASP A 541 -45.13 -8.61 4.25
N GLY A 542 -44.45 -8.54 5.39
CA GLY A 542 -44.81 -7.59 6.41
C GLY A 542 -45.95 -8.10 7.26
N PRO A 543 -45.81 -8.02 8.58
CA PRO A 543 -46.84 -8.56 9.48
C PRO A 543 -48.19 -7.94 9.19
N ALA A 544 -49.19 -8.80 8.97
CA ALA A 544 -50.53 -8.33 8.63
C ALA A 544 -51.52 -9.44 8.91
N ASN A 545 -52.51 -9.15 9.76
CA ASN A 545 -53.61 -10.06 10.03
C ASN A 545 -54.90 -9.26 9.97
N TYR A 546 -55.91 -9.82 9.33
CA TYR A 546 -57.18 -9.12 9.16
C TYR A 546 -58.32 -9.75 9.94
N ASP A 547 -58.17 -10.97 10.44
CA ASP A 547 -59.21 -11.56 11.28
C ASP A 547 -59.34 -10.82 12.59
N VAL A 548 -58.22 -10.48 13.22
CA VAL A 548 -58.22 -9.79 14.50
C VAL A 548 -57.74 -8.37 14.30
N ASP A 549 -58.26 -7.46 15.13
CA ASP A 549 -57.86 -6.06 15.06
C ASP A 549 -56.48 -5.88 15.68
N LEU A 550 -55.62 -5.16 14.97
CA LEU A 550 -54.25 -4.98 15.44
C LEU A 550 -54.17 -3.81 16.40
N PRO A 551 -53.06 -3.69 17.16
CA PRO A 551 -52.88 -2.50 17.99
C PRO A 551 -52.92 -1.23 17.16
N PHE A 552 -53.32 -0.14 17.81
CA PHE A 552 -53.46 1.13 17.10
C PHE A 552 -52.12 1.62 16.57
N MET A 553 -51.03 1.32 17.28
CA MET A 553 -49.73 1.89 16.92
C MET A 553 -49.05 1.13 15.79
N TYR A 554 -49.34 -0.16 15.63
CA TYR A 554 -48.68 -0.91 14.56
C TYR A 554 -48.96 -0.30 13.20
N SER A 555 -50.21 0.07 12.94
CA SER A 555 -50.56 0.62 11.63
C SER A 555 -49.83 1.94 11.37
N ILE A 556 -49.68 2.77 12.41
CA ILE A 556 -49.00 4.05 12.24
C ILE A 556 -47.50 3.85 12.12
N THR A 557 -46.90 3.09 13.04
CA THR A 557 -45.45 2.94 13.05
C THR A 557 -44.95 2.23 11.80
N TYR A 558 -45.73 1.28 11.26
CA TYR A 558 -45.27 0.55 10.09
C TYR A 558 -45.26 1.43 8.85
N ALA A 559 -46.19 2.39 8.75
CA ALA A 559 -46.19 3.29 7.60
C ALA A 559 -44.88 4.07 7.52
N ALA A 560 -44.38 4.57 8.66
CA ALA A 560 -43.11 5.28 8.66
C ALA A 560 -41.96 4.34 8.33
N PHE A 561 -42.05 3.08 8.76
CA PHE A 561 -40.99 2.12 8.47
C PHE A 561 -40.88 1.84 6.98
N ALA A 562 -42.03 1.70 6.30
CA ALA A 562 -42.01 1.42 4.87
C ALA A 562 -41.41 2.58 4.09
N ILE A 563 -41.70 3.81 4.51
CA ILE A 563 -41.19 4.98 3.81
C ILE A 563 -39.69 5.13 4.05
N ILE A 564 -39.27 5.14 5.31
CA ILE A 564 -37.88 5.40 5.64
C ILE A 564 -36.96 4.33 5.06
N ALA A 565 -37.42 3.07 5.04
CA ALA A 565 -36.61 2.00 4.47
C ALA A 565 -36.37 2.23 2.98
N THR A 566 -37.38 2.76 2.27
CA THR A 566 -37.21 3.00 0.84
C THR A 566 -36.24 4.15 0.58
N LEU A 567 -36.33 5.23 1.37
CA LEU A 567 -35.41 6.34 1.19
C LEU A 567 -33.96 5.90 1.37
N LEU A 568 -33.69 5.14 2.44
CA LEU A 568 -32.34 4.68 2.70
C LEU A 568 -31.83 3.80 1.55
N MET A 569 -32.69 2.98 0.98
CA MET A 569 -32.28 2.13 -0.14
C MET A 569 -32.10 2.95 -1.41
N LEU A 570 -32.97 3.93 -1.63
CA LEU A 570 -32.82 4.81 -2.80
C LEU A 570 -31.54 5.63 -2.70
N ASN A 571 -31.28 6.21 -1.53
CA ASN A 571 -30.10 7.03 -1.37
C ASN A 571 -28.82 6.20 -1.47
N LEU A 572 -28.85 4.96 -0.96
CA LEU A 572 -27.73 4.05 -1.22
C LEU A 572 -27.54 3.84 -2.71
N LEU A 573 -28.62 3.51 -3.42
CA LEU A 573 -28.52 3.27 -4.86
C LEU A 573 -27.96 4.49 -5.57
N ILE A 574 -28.38 5.69 -5.16
CA ILE A 574 -27.82 6.91 -5.75
C ILE A 574 -26.39 7.12 -5.26
N ALA A 575 -26.11 6.77 -4.00
CA ALA A 575 -24.76 6.92 -3.47
C ALA A 575 -23.76 6.00 -4.17
N MET A 576 -24.22 4.96 -4.83
CA MET A 576 -23.30 4.11 -5.53
C MET A 576 -22.59 4.94 -6.59
N MET A 577 -23.32 5.86 -7.18
CA MET A 577 -22.74 6.70 -8.22
C MET A 577 -21.54 7.50 -7.75
N GLY A 578 -21.09 7.32 -6.50
CA GLY A 578 -19.80 7.88 -6.10
C GLY A 578 -18.68 7.36 -6.97
N ASP A 579 -18.82 6.14 -7.49
CA ASP A 579 -17.91 5.62 -8.49
C ASP A 579 -18.55 5.81 -9.88
N THR A 580 -18.30 4.87 -10.78
CA THR A 580 -18.84 4.74 -12.14
C THR A 580 -18.42 5.86 -13.08
N HIS A 581 -17.72 6.90 -12.61
CA HIS A 581 -17.09 7.83 -13.54
C HIS A 581 -16.11 7.09 -14.44
N TRP A 582 -16.02 7.54 -15.69
CA TRP A 582 -15.24 6.80 -16.69
C TRP A 582 -13.79 6.61 -16.23
N ARG A 583 -13.27 7.51 -15.40
CA ARG A 583 -11.93 7.32 -14.86
C ARG A 583 -11.87 6.12 -13.93
N VAL A 584 -12.95 5.85 -13.18
CA VAL A 584 -12.96 4.69 -12.31
C VAL A 584 -13.16 3.42 -13.12
N ALA A 585 -13.85 3.51 -14.25
CA ALA A 585 -13.92 2.36 -15.16
C ALA A 585 -12.53 2.01 -15.67
N HIS A 586 -11.70 3.03 -15.92
CA HIS A 586 -10.30 2.79 -16.21
C HIS A 586 -9.55 2.38 -14.94
N GLU A 587 -9.94 2.95 -13.80
CA GLU A 587 -9.26 2.63 -12.54
C GLU A 587 -9.49 1.18 -12.14
N ARG A 588 -10.75 0.73 -12.07
CA ARG A 588 -11.01 -0.65 -11.70
C ARG A 588 -10.46 -1.62 -12.74
N ASP A 589 -10.42 -1.20 -14.00
CA ASP A 589 -9.79 -2.05 -15.01
C ASP A 589 -8.29 -2.17 -14.76
N GLU A 590 -7.63 -1.06 -14.44
CA GLU A 590 -6.21 -1.12 -14.12
C GLU A 590 -5.94 -1.83 -12.80
N LEU A 591 -6.88 -1.77 -11.85
CA LEU A 591 -6.71 -2.50 -10.61
C LEU A 591 -6.81 -4.00 -10.82
N TRP A 592 -7.76 -4.44 -11.65
CA TRP A 592 -7.91 -5.86 -11.90
C TRP A 592 -6.70 -6.42 -12.66
N ARG A 593 -6.31 -5.76 -13.74
CA ARG A 593 -5.16 -6.24 -14.52
C ARG A 593 -3.88 -6.18 -13.70
N ALA A 594 -3.78 -5.23 -12.76
CA ALA A 594 -2.63 -5.20 -11.88
C ALA A 594 -2.68 -6.36 -10.90
N GLN A 595 -3.87 -6.73 -10.42
CA GLN A 595 -3.97 -7.87 -9.52
C GLN A 595 -3.81 -9.19 -10.26
N VAL A 596 -4.07 -9.22 -11.57
CA VAL A 596 -3.73 -10.40 -12.35
C VAL A 596 -2.22 -10.55 -12.45
N VAL A 597 -1.52 -9.44 -12.70
CA VAL A 597 -0.06 -9.44 -12.65
C VAL A 597 0.41 -9.88 -11.27
N ALA A 598 -0.28 -9.44 -10.22
CA ALA A 598 0.08 -9.88 -8.88
C ALA A 598 0.02 -11.41 -8.77
N THR A 599 -1.08 -12.01 -9.24
CA THR A 599 -1.21 -13.46 -9.18
C THR A 599 -0.06 -14.16 -9.90
N THR A 600 0.41 -13.58 -11.00
CA THR A 600 1.38 -14.27 -11.85
C THR A 600 2.76 -14.36 -11.20
N VAL A 601 3.11 -13.41 -10.33
CA VAL A 601 4.48 -13.33 -9.83
C VAL A 601 4.74 -14.39 -8.76
N MET A 602 3.86 -14.47 -7.76
CA MET A 602 4.09 -15.43 -6.68
C MET A 602 3.77 -16.86 -7.11
N LEU A 603 2.90 -17.04 -8.10
CA LEU A 603 2.77 -18.37 -8.71
C LEU A 603 4.11 -18.83 -9.25
N GLU A 604 4.82 -17.96 -9.98
CA GLU A 604 6.17 -18.27 -10.43
C GLU A 604 7.12 -18.47 -9.26
N ARG A 605 6.86 -17.80 -8.13
CA ARG A 605 7.72 -17.90 -6.97
C ARG A 605 7.57 -19.25 -6.27
N LYS A 606 6.33 -19.63 -5.96
CA LYS A 606 6.10 -20.87 -5.23
C LYS A 606 6.30 -22.10 -6.11
N LEU A 607 5.96 -22.00 -7.39
CA LEU A 607 6.06 -23.15 -8.28
C LEU A 607 7.52 -23.54 -8.52
N PRO A 608 7.77 -24.79 -8.89
CA PRO A 608 9.15 -25.23 -9.11
C PRO A 608 9.75 -24.57 -10.35
N ARG A 609 11.09 -24.54 -10.37
CA ARG A 609 11.80 -23.91 -11.46
C ARG A 609 11.71 -24.72 -12.75
N CYS A 610 11.48 -26.04 -12.64
CA CYS A 610 11.41 -26.88 -13.83
C CYS A 610 10.22 -26.50 -14.70
N LEU A 611 9.04 -26.35 -14.09
CA LEU A 611 7.93 -25.72 -14.78
C LEU A 611 8.16 -24.21 -14.86
N TRP A 612 7.39 -23.56 -15.74
CA TRP A 612 7.45 -22.11 -15.90
C TRP A 612 8.87 -21.67 -16.30
N PRO A 613 9.27 -21.87 -17.55
CA PRO A 613 10.61 -21.40 -17.96
C PRO A 613 10.71 -19.89 -17.94
N ARG A 614 11.94 -19.41 -17.71
CA ARG A 614 12.17 -17.98 -17.61
C ARG A 614 11.88 -17.27 -18.93
N SER A 615 11.31 -16.08 -18.82
CA SER A 615 10.97 -15.32 -20.02
C SER A 615 12.23 -14.78 -20.69
N GLY A 616 12.16 -14.67 -22.02
CA GLY A 616 13.28 -14.16 -22.78
C GLY A 616 14.26 -15.23 -23.19
N ILE A 617 15.33 -14.78 -23.85
CA ILE A 617 16.39 -15.64 -24.35
C ILE A 617 17.69 -15.22 -23.68
N CYS A 618 18.52 -16.20 -23.34
CA CYS A 618 19.74 -15.91 -22.60
C CYS A 618 20.80 -15.26 -23.48
N GLY A 619 21.67 -14.47 -22.85
CA GLY A 619 22.75 -13.79 -23.52
C GLY A 619 24.02 -14.59 -23.63
N ARG A 620 23.95 -15.88 -23.32
CA ARG A 620 25.01 -16.84 -23.58
C ARG A 620 24.59 -17.70 -24.76
N GLU A 621 25.58 -18.04 -25.61
CA GLU A 621 25.43 -18.69 -26.91
C GLU A 621 25.30 -17.62 -27.99
N TYR A 622 24.98 -16.39 -27.58
CA TYR A 622 25.28 -15.17 -28.35
C TYR A 622 25.90 -14.25 -27.32
N GLY A 623 27.23 -14.27 -27.22
CA GLY A 623 27.92 -13.61 -26.13
C GLY A 623 27.73 -12.11 -25.99
N LEU A 624 26.50 -11.62 -26.17
CA LEU A 624 26.26 -10.18 -26.09
C LEU A 624 26.04 -9.71 -24.66
N GLY A 625 25.55 -10.57 -23.78
CA GLY A 625 25.12 -10.10 -22.47
C GLY A 625 25.46 -10.95 -21.26
N ASP A 626 25.23 -12.27 -21.35
CA ASP A 626 25.18 -13.19 -20.22
C ASP A 626 23.93 -12.98 -19.36
N ARG A 627 23.02 -12.11 -19.79
CA ARG A 627 21.73 -11.93 -19.14
C ARG A 627 20.62 -12.24 -20.14
N TRP A 628 19.39 -12.23 -19.65
CA TRP A 628 18.23 -12.61 -20.45
C TRP A 628 17.56 -11.37 -21.03
N PHE A 629 17.24 -11.44 -22.32
CA PHE A 629 16.73 -10.29 -23.06
C PHE A 629 15.39 -10.62 -23.70
N LEU A 630 14.48 -9.64 -23.69
CA LEU A 630 13.18 -9.76 -24.33
C LEU A 630 13.23 -9.02 -25.66
N ARG A 631 12.96 -9.72 -26.75
CA ARG A 631 13.02 -9.16 -28.09
C ARG A 631 11.63 -8.62 -28.44
N VAL A 632 11.49 -7.31 -28.41
CA VAL A 632 10.22 -6.64 -28.69
C VAL A 632 10.42 -5.71 -29.87
N GLU A 633 9.58 -5.86 -30.89
CA GLU A 633 9.60 -4.97 -32.05
C GLU A 633 8.31 -4.17 -32.12
N ASP A 634 8.41 -2.92 -32.53
CA ASP A 634 7.30 -1.99 -32.56
C ASP A 634 7.23 -1.28 -33.90
N ARG A 635 6.12 -0.57 -34.10
CA ARG A 635 5.89 0.22 -35.31
C ARG A 635 5.35 1.59 -34.92
N GLN A 636 5.87 2.63 -35.55
CA GLN A 636 5.45 4.00 -35.31
C GLN A 636 4.63 4.50 -36.48
N ASP A 637 3.42 4.99 -36.19
CA ASP A 637 2.53 5.51 -37.23
C ASP A 637 3.06 6.83 -37.79
CA CA B . -43.63 -11.34 -0.84
CA CA C . -41.18 -8.71 -2.75
CN DTB D . 16.87 30.28 9.64
O DTB D . 17.49 31.29 9.66
N2 DTB D . 16.19 29.69 8.46
CR DTB D . 15.58 28.44 8.88
CS DTB D . 15.82 28.29 10.35
N1 DTB D . 16.64 29.39 10.78
CT DTB D . 14.52 28.46 11.15
CE DTB D . 14.08 28.40 8.48
CD DTB D . 13.62 26.98 8.13
CG DTB D . 14.24 26.48 6.84
CB DTB D . 13.92 24.99 6.66
CA DTB D . 12.41 24.77 6.78
C DTB D . 12.06 23.34 6.39
OI1 DTB D . 10.87 22.93 6.45
OI2 DTB D . 12.97 22.55 6.01
#